data_3S8M
#
_entry.id   3S8M
#
_cell.length_a   50.52
_cell.length_b   74.53
_cell.length_c   107.39
_cell.angle_alpha   90.00
_cell.angle_beta   90.00
_cell.angle_gamma   90.00
#
_symmetry.space_group_name_H-M   'P 21 21 21'
#
loop_
_entity.id
_entity.type
_entity.pdbx_description
1 polymer 'Enoyl-ACP Reductase'
2 water water
#
_entity_poly.entity_id   1
_entity_poly.type   'polypeptide(L)'
_entity_poly.pdbx_seq_one_letter_code
;(MSE)GSSHHHHHHSSGLVPRGSH(MSE)IIHPKVRGFICTTTHPLGCERNVLEQIAATRARGVRNDGPKKVLVIGASSG
YGLASRITAAFGFGADTLGVFFEKPGTASKAGTAGWYNSAAFDKHAKAAGLYSKSINGDAFSDAARAQVIELIKTE
(MSE)GGQVDLVVYSLASPVRKLPGSGEVKRSALKPIGQTYTATAIDTNKDTIIQASIEPASAQEIEDTITV(MSE)GGQ
DWELWIDALEGAGVLADGARSVAFSYIGTEITWPIYWHGALGKAKVDLDRTAQRLNARLAKHGGGANVAVLKSVVTQASA
AIPV(MSE)PLYIS(MSE)VYKI(MSE)KEKGLHEGTIEQLDRLFRERLYRQDGQPAEVDEQNRLRLDDWELRDDVQDAC
KALWPQVTTENLFELTDYAGYKHEFLKLFGFGRTDVDYDADVATDVAFDCIELA
;
_entity_poly.pdbx_strand_id   A
#
# COMPACT_ATOMS: atom_id res chain seq x y z
N CYS A 32 2.07 17.43 6.16
CA CYS A 32 2.75 18.13 5.07
C CYS A 32 1.75 18.53 4.00
N THR A 33 1.71 19.83 3.70
CA THR A 33 0.63 20.39 2.87
C THR A 33 1.06 20.76 1.46
N THR A 34 2.32 20.52 1.13
CA THR A 34 2.80 20.74 -0.23
C THR A 34 3.64 19.55 -0.68
N THR A 35 4.01 19.54 -1.96
CA THR A 35 4.76 18.43 -2.50
C THR A 35 5.77 18.94 -3.51
N HIS A 36 6.77 18.13 -3.79
CA HIS A 36 7.83 18.50 -4.71
C HIS A 36 7.83 17.52 -5.88
N PRO A 37 7.40 17.99 -7.07
CA PRO A 37 7.25 17.09 -8.21
C PRO A 37 8.54 16.35 -8.58
N LEU A 38 9.67 17.05 -8.64
CA LEU A 38 10.93 16.41 -9.01
C LEU A 38 11.38 15.42 -7.93
N GLY A 39 11.19 15.78 -6.67
CA GLY A 39 11.49 14.88 -5.59
C GLY A 39 10.71 13.59 -5.73
N CYS A 40 9.43 13.71 -6.04
CA CYS A 40 8.60 12.53 -6.26
C CYS A 40 9.13 11.69 -7.43
N GLU A 41 9.53 12.35 -8.51
CA GLU A 41 10.10 11.64 -9.64
C GLU A 41 11.38 10.89 -9.24
N ARG A 42 12.25 11.53 -8.47
CA ARG A 42 13.47 10.87 -8.02
C ARG A 42 13.18 9.70 -7.07
N ASN A 43 12.14 9.83 -6.25
CA ASN A 43 11.68 8.69 -5.44
C ASN A 43 11.32 7.51 -6.32
N VAL A 44 10.53 7.78 -7.36
CA VAL A 44 10.11 6.74 -8.28
C VAL A 44 11.32 6.14 -9.01
N LEU A 45 12.23 6.99 -9.46
CA LEU A 45 13.44 6.51 -10.13
C LEU A 45 14.29 5.60 -9.23
N GLU A 46 14.34 5.94 -7.95
CA GLU A 46 15.06 5.15 -6.97
C GLU A 46 14.44 3.75 -6.83
N GLN A 47 13.11 3.69 -6.81
CA GLN A 47 12.44 2.38 -6.73
C GLN A 47 12.67 1.57 -8.02
N ILE A 48 12.61 2.24 -9.16
CA ILE A 48 12.86 1.59 -10.43
C ILE A 48 14.28 0.98 -10.44
N ALA A 49 15.25 1.76 -9.98
CA ALA A 49 16.62 1.28 -9.96
C ALA A 49 16.74 0.09 -9.02
N ALA A 50 16.00 0.13 -7.91
CA ALA A 50 16.12 -0.92 -6.91
C ALA A 50 15.59 -2.24 -7.45
N THR A 51 14.44 -2.23 -8.12
CA THR A 51 13.91 -3.48 -8.63
C THR A 51 14.75 -3.99 -9.81
N ARG A 52 15.27 -3.08 -10.64
CA ARG A 52 16.12 -3.50 -11.74
C ARG A 52 17.39 -4.17 -11.22
N ALA A 53 17.91 -3.66 -10.11
CA ALA A 53 19.14 -4.20 -9.51
C ALA A 53 18.96 -5.64 -9.04
N ARG A 54 17.70 -6.04 -8.81
CA ARG A 54 17.42 -7.41 -8.36
C ARG A 54 17.23 -8.38 -9.51
N GLY A 55 17.28 -7.86 -10.72
CA GLY A 55 17.21 -8.70 -11.90
C GLY A 55 15.87 -8.49 -12.55
N VAL A 56 15.90 -8.09 -13.82
CA VAL A 56 14.69 -7.95 -14.59
C VAL A 56 14.30 -9.31 -15.12
N ARG A 57 13.09 -9.74 -14.78
CA ARG A 57 12.59 -11.04 -15.20
C ARG A 57 11.51 -10.93 -16.25
N ASN A 58 11.29 -12.01 -16.98
CA ASN A 58 10.29 -12.01 -18.05
C ASN A 58 9.33 -13.20 -17.94
N ASP A 59 9.30 -13.84 -16.79
CA ASP A 59 8.48 -15.04 -16.63
C ASP A 59 7.45 -14.92 -15.52
N GLY A 60 7.07 -13.69 -15.20
CA GLY A 60 6.06 -13.44 -14.19
C GLY A 60 4.81 -12.88 -14.83
N PRO A 61 4.20 -11.86 -14.22
CA PRO A 61 2.97 -11.30 -14.77
C PRO A 61 3.25 -10.52 -16.05
N LYS A 62 2.23 -10.33 -16.88
CA LYS A 62 2.38 -9.59 -18.12
C LYS A 62 1.42 -8.42 -18.24
N LYS A 63 0.25 -8.55 -17.61
CA LYS A 63 -0.81 -7.57 -17.77
C LYS A 63 -1.43 -7.34 -16.40
N VAL A 64 -1.06 -6.23 -15.77
CA VAL A 64 -1.34 -6.04 -14.36
C VAL A 64 -2.23 -4.83 -14.09
N LEU A 65 -3.24 -5.06 -13.26
CA LEU A 65 -4.12 -4.01 -12.77
C LEU A 65 -3.81 -3.77 -11.30
N VAL A 66 -3.50 -2.51 -10.95
CA VAL A 66 -3.23 -2.14 -9.57
C VAL A 66 -4.28 -1.15 -9.08
N ILE A 67 -5.06 -1.55 -8.08
CA ILE A 67 -6.11 -0.70 -7.51
C ILE A 67 -5.54 -0.02 -6.27
N GLY A 68 -5.25 1.28 -6.38
CA GLY A 68 -4.53 2.00 -5.33
C GLY A 68 -3.06 2.09 -5.69
N ALA A 69 -2.77 2.70 -6.83
CA ALA A 69 -1.47 2.53 -7.48
C ALA A 69 -0.51 3.70 -7.36
N SER A 70 -0.90 4.74 -6.62
CA SER A 70 -0.18 6.01 -6.69
C SER A 70 0.84 6.25 -5.59
N SER A 71 0.82 5.44 -4.55
CA SER A 71 1.69 5.67 -3.42
C SER A 71 1.92 4.41 -2.62
N GLY A 72 2.91 4.46 -1.73
CA GLY A 72 3.16 3.38 -0.81
C GLY A 72 3.29 2.02 -1.46
N TYR A 73 2.65 1.03 -0.86
CA TYR A 73 2.79 -0.34 -1.34
C TYR A 73 2.19 -0.53 -2.73
N GLY A 74 1.08 0.15 -3.02
CA GLY A 74 0.48 0.07 -4.35
C GLY A 74 1.45 0.55 -5.43
N LEU A 75 2.08 1.69 -5.20
CA LEU A 75 3.05 2.22 -6.14
C LEU A 75 4.21 1.24 -6.32
N ALA A 76 4.72 0.73 -5.21
CA ALA A 76 5.84 -0.20 -5.28
C ALA A 76 5.45 -1.45 -6.06
N SER A 77 4.20 -1.90 -5.90
CA SER A 77 3.77 -3.08 -6.65
C SER A 77 3.75 -2.80 -8.15
N ARG A 78 3.36 -1.59 -8.51
CA ARG A 78 3.30 -1.23 -9.92
C ARG A 78 4.72 -1.18 -10.51
N ILE A 79 5.66 -0.69 -9.70
CA ILE A 79 7.05 -0.58 -10.14
C ILE A 79 7.72 -1.95 -10.22
N THR A 80 7.47 -2.81 -9.24
CA THR A 80 7.98 -4.18 -9.31
C THR A 80 7.42 -4.88 -10.56
N ALA A 81 6.13 -4.72 -10.80
CA ALA A 81 5.54 -5.41 -11.95
C ALA A 81 6.12 -4.92 -13.26
N ALA A 82 6.18 -3.60 -13.44
CA ALA A 82 6.61 -3.02 -14.71
C ALA A 82 8.11 -3.13 -14.93
N PHE A 83 8.89 -2.75 -13.92
CA PHE A 83 10.34 -2.64 -14.10
C PHE A 83 11.10 -3.86 -13.59
N GLY A 84 10.49 -4.61 -12.69
CA GLY A 84 11.04 -5.87 -12.23
C GLY A 84 10.66 -7.00 -13.17
N PHE A 85 9.45 -6.93 -13.74
CA PHE A 85 8.93 -8.05 -14.52
C PHE A 85 8.47 -7.68 -15.93
N GLY A 86 8.70 -6.43 -16.31
CA GLY A 86 8.40 -5.96 -17.65
C GLY A 86 6.93 -5.95 -18.03
N ALA A 87 6.05 -5.92 -17.04
CA ALA A 87 4.62 -5.97 -17.29
C ALA A 87 4.00 -4.65 -17.75
N ASP A 88 2.95 -4.76 -18.56
CA ASP A 88 2.11 -3.63 -18.88
C ASP A 88 1.21 -3.40 -17.67
N THR A 89 0.91 -2.15 -17.35
CA THR A 89 0.17 -1.86 -16.13
C THR A 89 -0.92 -0.81 -16.30
N LEU A 90 -2.02 -1.02 -15.58
CA LEU A 90 -3.11 -0.07 -15.48
C LEU A 90 -3.30 0.22 -14.01
N GLY A 91 -3.21 1.50 -13.63
CA GLY A 91 -3.32 1.86 -12.23
C GLY A 91 -4.53 2.73 -11.97
N VAL A 92 -5.20 2.51 -10.83
CA VAL A 92 -6.34 3.30 -10.40
C VAL A 92 -5.94 3.95 -9.08
N PHE A 93 -6.28 5.22 -8.89
CA PHE A 93 -5.96 5.93 -7.66
C PHE A 93 -6.84 7.18 -7.58
N PHE A 94 -6.86 7.83 -6.43
CA PHE A 94 -7.52 9.14 -6.33
C PHE A 94 -6.53 10.16 -5.80
N GLU A 95 -6.14 11.08 -6.68
CA GLU A 95 -5.20 12.12 -6.32
C GLU A 95 -5.70 13.45 -6.88
N LYS A 96 -5.00 14.53 -6.53
CA LYS A 96 -5.37 15.84 -7.07
C LYS A 96 -4.31 16.31 -8.05
N PRO A 97 -4.73 16.64 -9.28
CA PRO A 97 -3.76 17.15 -10.24
C PRO A 97 -3.24 18.53 -9.83
N GLY A 98 -2.01 18.82 -10.24
CA GLY A 98 -1.43 20.13 -9.99
C GLY A 98 -1.89 21.14 -11.03
N THR A 99 -1.89 22.41 -10.65
CA THR A 99 -2.14 23.48 -11.62
C THR A 99 -0.85 24.27 -11.74
N ALA A 100 -0.85 25.30 -12.57
CA ALA A 100 0.36 26.11 -12.73
C ALA A 100 0.77 26.78 -11.42
N SER A 101 -0.19 27.04 -10.55
CA SER A 101 0.08 27.79 -9.32
C SER A 101 0.01 26.98 -8.03
N LYS A 102 -0.62 25.80 -8.08
CA LYS A 102 -0.76 24.99 -6.86
C LYS A 102 -0.36 23.54 -7.08
N ALA A 103 0.51 23.04 -6.20
CA ALA A 103 0.96 21.66 -6.26
C ALA A 103 -0.21 20.69 -6.07
N GLY A 104 -0.22 19.62 -6.85
CA GLY A 104 -1.15 18.53 -6.64
C GLY A 104 -0.68 17.66 -5.49
N THR A 105 -1.29 16.50 -5.32
CA THR A 105 -0.85 15.58 -4.27
C THR A 105 0.34 14.74 -4.70
N ALA A 106 1.05 14.19 -3.71
CA ALA A 106 2.26 13.41 -4.00
C ALA A 106 1.96 12.29 -4.98
N GLY A 107 0.87 11.57 -4.77
CA GLY A 107 0.51 10.46 -5.63
C GLY A 107 0.29 10.84 -7.08
N TRP A 108 -0.15 12.08 -7.32
CA TRP A 108 -0.23 12.58 -8.67
C TRP A 108 1.15 12.60 -9.33
N TYR A 109 2.13 13.19 -8.64
CA TYR A 109 3.47 13.30 -9.21
C TYR A 109 4.18 11.96 -9.27
N ASN A 110 3.90 11.09 -8.30
CA ASN A 110 4.45 9.75 -8.35
C ASN A 110 3.99 9.04 -9.61
N SER A 111 2.70 9.14 -9.89
CA SER A 111 2.10 8.44 -11.01
C SER A 111 2.54 9.05 -12.34
N ALA A 112 2.70 10.37 -12.38
CA ALA A 112 3.21 11.01 -13.58
C ALA A 112 4.63 10.54 -13.89
N ALA A 113 5.48 10.46 -12.86
CA ALA A 113 6.83 9.94 -13.01
C ALA A 113 6.82 8.50 -13.48
N PHE A 114 5.97 7.68 -12.87
CA PHE A 114 5.85 6.30 -13.30
C PHE A 114 5.51 6.22 -14.78
N ASP A 115 4.51 6.98 -15.20
CA ASP A 115 4.04 6.93 -16.57
C ASP A 115 5.15 7.33 -17.53
N LYS A 116 5.81 8.43 -17.22
CA LYS A 116 6.89 8.95 -18.07
C LYS A 116 7.97 7.89 -18.26
N HIS A 117 8.37 7.26 -17.17
CA HIS A 117 9.47 6.30 -17.26
C HIS A 117 9.05 4.94 -17.81
N ALA A 118 7.80 4.55 -17.56
CA ALA A 118 7.29 3.30 -18.12
C ALA A 118 7.18 3.43 -19.64
N LYS A 119 6.68 4.57 -20.10
CA LYS A 119 6.58 4.80 -21.54
C LYS A 119 7.96 4.85 -22.17
N ALA A 120 8.91 5.49 -21.50
CA ALA A 120 10.28 5.54 -22.00
C ALA A 120 10.85 4.14 -22.17
N ALA A 121 10.42 3.23 -21.30
CA ALA A 121 10.90 1.84 -21.30
C ALA A 121 10.14 0.97 -22.30
N GLY A 122 9.23 1.56 -23.05
CA GLY A 122 8.49 0.84 -24.07
C GLY A 122 7.32 0.02 -23.55
N LEU A 123 6.91 0.29 -22.32
CA LEU A 123 5.83 -0.46 -21.69
C LEU A 123 4.50 0.26 -21.85
N TYR A 124 3.41 -0.49 -21.80
CA TYR A 124 2.09 0.12 -21.72
C TYR A 124 1.86 0.57 -20.29
N SER A 125 1.45 1.84 -20.15
CA SER A 125 1.21 2.44 -18.86
C SER A 125 0.02 3.38 -18.97
N LYS A 126 -1.07 3.04 -18.30
CA LYS A 126 -2.27 3.87 -18.35
C LYS A 126 -2.79 4.04 -16.92
N SER A 127 -3.41 5.17 -16.64
CA SER A 127 -3.90 5.42 -15.28
C SER A 127 -5.30 6.02 -15.27
N ILE A 128 -6.02 5.80 -14.17
CA ILE A 128 -7.34 6.36 -13.99
C ILE A 128 -7.39 7.04 -12.64
N ASN A 129 -7.79 8.31 -12.61
CA ASN A 129 -7.91 9.09 -11.38
C ASN A 129 -9.38 9.19 -10.99
N GLY A 130 -9.74 8.58 -9.88
CA GLY A 130 -11.12 8.63 -9.43
C GLY A 130 -11.35 7.64 -8.30
N ASP A 131 -12.61 7.38 -8.02
CA ASP A 131 -13.02 6.58 -6.87
C ASP A 131 -13.00 5.08 -7.19
N ALA A 132 -12.01 4.37 -6.64
CA ALA A 132 -11.86 2.94 -6.90
C ALA A 132 -13.05 2.13 -6.39
N PHE A 133 -13.85 2.72 -5.49
CA PHE A 133 -15.00 2.00 -4.99
C PHE A 133 -16.20 2.06 -5.95
N SER A 134 -16.08 2.86 -7.01
CA SER A 134 -17.24 3.16 -7.85
C SER A 134 -17.39 2.22 -9.05
N ASP A 135 -18.63 1.99 -9.47
CA ASP A 135 -18.88 1.18 -10.64
C ASP A 135 -18.21 1.81 -11.88
N ALA A 136 -18.19 3.14 -11.94
CA ALA A 136 -17.59 3.82 -13.08
C ALA A 136 -16.11 3.47 -13.24
N ALA A 137 -15.40 3.32 -12.13
CA ALA A 137 -14.00 2.93 -12.19
C ALA A 137 -13.85 1.53 -12.76
N ARG A 138 -14.70 0.60 -12.31
CA ARG A 138 -14.69 -0.75 -12.87
C ARG A 138 -14.96 -0.75 -14.39
N ALA A 139 -15.95 0.02 -14.81
CA ALA A 139 -16.31 0.06 -16.22
C ALA A 139 -15.17 0.63 -17.05
N GLN A 140 -14.52 1.67 -16.54
CA GLN A 140 -13.43 2.29 -17.27
C GLN A 140 -12.21 1.36 -17.40
N VAL A 141 -11.93 0.64 -16.32
CA VAL A 141 -10.86 -0.35 -16.34
C VAL A 141 -11.15 -1.43 -17.36
N ILE A 142 -12.36 -1.97 -17.34
CA ILE A 142 -12.73 -3.02 -18.28
C ILE A 142 -12.61 -2.55 -19.73
N GLU A 143 -13.03 -1.32 -20.01
CA GLU A 143 -12.93 -0.79 -21.37
C GLU A 143 -11.48 -0.71 -21.83
N LEU A 144 -10.58 -0.29 -20.95
CA LEU A 144 -9.17 -0.18 -21.34
C LEU A 144 -8.53 -1.55 -21.50
N ILE A 145 -8.90 -2.50 -20.65
CA ILE A 145 -8.33 -3.84 -20.79
C ILE A 145 -8.72 -4.41 -22.16
N LYS A 146 -9.99 -4.25 -22.50
CA LYS A 146 -10.50 -4.76 -23.77
C LYS A 146 -9.90 -4.06 -25.00
N THR A 147 -9.81 -2.74 -24.93
CA THR A 147 -9.45 -1.97 -26.11
C THR A 147 -7.96 -1.68 -26.28
N GLU A 148 -7.22 -1.70 -25.18
CA GLU A 148 -5.82 -1.27 -25.20
C GLU A 148 -4.80 -2.30 -24.73
N GLY A 150 -5.03 -5.83 -24.80
CA GLY A 150 -5.04 -7.14 -25.41
C GLY A 150 -6.17 -8.05 -24.94
N GLY A 151 -7.02 -7.55 -24.03
CA GLY A 151 -8.24 -8.24 -23.68
C GLY A 151 -8.27 -8.90 -22.32
N GLN A 152 -7.13 -9.03 -21.66
CA GLN A 152 -7.09 -9.69 -20.36
C GLN A 152 -6.00 -9.20 -19.43
N VAL A 153 -6.23 -9.38 -18.13
CA VAL A 153 -5.19 -9.15 -17.13
C VAL A 153 -4.90 -10.44 -16.39
N ASP A 154 -3.63 -10.64 -15.99
CA ASP A 154 -3.26 -11.84 -15.25
C ASP A 154 -2.96 -11.63 -13.76
N LEU A 155 -2.91 -10.38 -13.32
CA LEU A 155 -2.67 -10.08 -11.90
C LEU A 155 -3.45 -8.84 -11.51
N VAL A 156 -4.20 -8.93 -10.41
CA VAL A 156 -4.97 -7.81 -9.89
C VAL A 156 -4.51 -7.55 -8.47
N VAL A 157 -3.90 -6.38 -8.27
CA VAL A 157 -3.39 -6.00 -6.95
C VAL A 157 -4.40 -5.07 -6.29
N TYR A 158 -4.80 -5.39 -5.06
CA TYR A 158 -5.77 -4.58 -4.34
C TYR A 158 -5.10 -3.97 -3.11
N SER A 159 -4.69 -2.70 -3.22
CA SER A 159 -3.97 -2.05 -2.11
C SER A 159 -4.90 -1.75 -0.93
N LEU A 160 -4.32 -1.45 0.23
CA LEU A 160 -5.12 -1.02 1.38
C LEU A 160 -6.05 0.11 0.95
N ALA A 161 -7.35 -0.09 1.12
CA ALA A 161 -8.35 0.85 0.60
C ALA A 161 -8.41 2.18 1.37
N SER A 162 -9.03 3.18 0.75
CA SER A 162 -9.31 4.45 1.42
C SER A 162 -10.34 4.24 2.54
N PRO A 163 -10.30 5.08 3.58
CA PRO A 163 -11.15 4.86 4.76
C PRO A 163 -12.58 5.40 4.62
N VAL A 164 -12.95 5.79 3.41
CA VAL A 164 -14.32 6.20 3.13
C VAL A 164 -14.80 5.48 1.89
N ARG A 165 -15.99 4.89 1.94
CA ARG A 165 -16.53 4.15 0.82
C ARG A 165 -17.96 4.56 0.48
N LYS A 166 -18.13 5.15 -0.70
CA LYS A 166 -19.48 5.38 -1.21
C LYS A 166 -19.98 4.09 -1.84
N LEU A 167 -21.09 3.56 -1.31
CA LEU A 167 -21.62 2.30 -1.83
C LEU A 167 -22.25 2.45 -3.21
N PRO A 168 -21.88 1.56 -4.14
CA PRO A 168 -22.52 1.57 -5.46
C PRO A 168 -24.03 1.41 -5.32
N GLY A 169 -24.79 2.06 -6.20
CA GLY A 169 -26.23 1.91 -6.15
C GLY A 169 -26.91 2.85 -5.19
N SER A 170 -26.79 2.59 -3.88
CA SER A 170 -27.47 3.40 -2.88
C SER A 170 -26.84 4.77 -2.70
N GLY A 171 -25.51 4.83 -2.85
CA GLY A 171 -24.79 6.07 -2.67
C GLY A 171 -24.53 6.39 -1.21
N GLU A 172 -24.90 5.50 -0.30
CA GLU A 172 -24.62 5.73 1.10
C GLU A 172 -23.12 5.67 1.33
N VAL A 173 -22.62 6.59 2.16
CA VAL A 173 -21.21 6.68 2.43
C VAL A 173 -20.87 6.10 3.80
N LYS A 174 -19.93 5.15 3.80
CA LYS A 174 -19.52 4.50 5.04
C LYS A 174 -18.09 4.91 5.38
N ARG A 175 -17.80 5.03 6.67
CA ARG A 175 -16.49 5.46 7.11
C ARG A 175 -15.91 4.47 8.09
N SER A 176 -14.65 4.13 7.91
CA SER A 176 -14.02 3.19 8.80
C SER A 176 -13.55 3.90 10.07
N ALA A 177 -13.35 3.14 11.14
CA ALA A 177 -12.90 3.66 12.40
C ALA A 177 -11.71 2.85 12.90
N LEU A 178 -10.62 3.52 13.25
CA LEU A 178 -9.46 2.83 13.79
C LEU A 178 -9.56 2.92 15.29
N LYS A 179 -10.37 2.03 15.86
CA LYS A 179 -10.68 2.05 17.27
C LYS A 179 -10.65 0.63 17.80
N PRO A 180 -10.39 0.49 19.10
CA PRO A 180 -10.47 -0.83 19.72
C PRO A 180 -11.93 -1.23 19.91
N ILE A 181 -12.16 -2.45 20.37
CA ILE A 181 -13.51 -2.88 20.73
C ILE A 181 -13.49 -3.29 22.18
N GLY A 182 -14.47 -2.81 22.94
CA GLY A 182 -14.69 -3.29 24.30
C GLY A 182 -14.07 -2.46 25.40
N GLN A 183 -13.06 -1.66 25.07
CA GLN A 183 -12.45 -0.79 26.06
C GLN A 183 -11.57 0.27 25.41
N THR A 184 -11.13 1.23 26.21
CA THR A 184 -10.30 2.31 25.72
C THR A 184 -8.89 1.79 25.50
N TYR A 185 -8.24 2.24 24.42
CA TYR A 185 -6.86 1.87 24.15
C TYR A 185 -5.96 3.03 24.53
N THR A 186 -4.91 2.75 25.31
CA THR A 186 -3.96 3.78 25.71
C THR A 186 -2.54 3.25 25.53
N ALA A 187 -1.69 4.07 24.93
CA ALA A 187 -0.32 3.67 24.68
C ALA A 187 0.59 4.88 24.58
N THR A 188 1.86 4.66 24.88
CA THR A 188 2.88 5.68 24.67
C THR A 188 2.93 6.04 23.18
N ALA A 189 3.21 7.31 22.89
CA ALA A 189 3.08 7.79 21.53
C ALA A 189 3.96 9.01 21.31
N ILE A 190 4.01 9.48 20.07
CA ILE A 190 4.73 10.70 19.77
C ILE A 190 3.76 11.77 19.27
N ASP A 191 3.90 12.98 19.82
CA ASP A 191 3.29 14.15 19.19
C ASP A 191 4.28 14.62 18.13
N THR A 192 3.97 14.34 16.87
CA THR A 192 4.91 14.59 15.78
C THR A 192 5.03 16.06 15.44
N ASN A 193 4.17 16.88 16.02
CA ASN A 193 4.23 18.33 15.88
C ASN A 193 5.22 18.94 16.85
N LYS A 194 5.52 18.22 17.92
CA LYS A 194 6.40 18.75 18.96
C LYS A 194 7.63 17.89 19.20
N ASP A 195 7.70 16.75 18.54
CA ASP A 195 8.77 15.79 18.79
C ASP A 195 8.85 15.42 20.27
N THR A 196 7.69 15.20 20.88
CA THR A 196 7.63 14.83 22.28
C THR A 196 6.96 13.50 22.45
N ILE A 197 7.23 12.86 23.58
CA ILE A 197 6.54 11.65 23.98
C ILE A 197 5.28 12.01 24.75
N ILE A 198 4.17 11.36 24.40
CA ILE A 198 2.90 11.57 25.08
C ILE A 198 2.24 10.25 25.34
N GLN A 199 1.15 10.27 26.09
CA GLN A 199 0.26 9.12 26.16
C GLN A 199 -0.94 9.49 25.29
N ALA A 200 -1.36 8.57 24.44
CA ALA A 200 -2.52 8.82 23.59
C ALA A 200 -3.55 7.74 23.78
N SER A 201 -4.83 8.13 23.77
CA SER A 201 -5.93 7.20 24.00
C SER A 201 -6.91 7.23 22.86
N ILE A 202 -7.52 6.08 22.59
CA ILE A 202 -8.55 5.96 21.56
C ILE A 202 -9.74 5.25 22.19
N GLU A 203 -10.90 5.90 22.10
CA GLU A 203 -12.14 5.35 22.63
C GLU A 203 -12.63 4.20 21.77
N PRO A 204 -13.38 3.25 22.38
CA PRO A 204 -13.82 2.06 21.67
C PRO A 204 -14.91 2.33 20.64
N ALA A 205 -14.96 1.47 19.63
CA ALA A 205 -15.92 1.55 18.55
C ALA A 205 -17.34 1.21 19.01
N SER A 206 -18.31 1.88 18.40
CA SER A 206 -19.70 1.47 18.53
C SER A 206 -19.95 0.29 17.62
N ALA A 207 -21.07 -0.41 17.82
CA ALA A 207 -21.43 -1.50 16.93
C ALA A 207 -21.54 -1.00 15.48
N GLN A 208 -22.07 0.21 15.29
CA GLN A 208 -22.20 0.72 13.93
C GLN A 208 -20.84 0.93 13.30
N GLU A 209 -19.89 1.42 14.10
CA GLU A 209 -18.53 1.64 13.63
C GLU A 209 -17.84 0.32 13.26
N ILE A 210 -18.10 -0.73 14.02
CA ILE A 210 -17.55 -2.04 13.68
C ILE A 210 -18.10 -2.48 12.33
N GLU A 211 -19.43 -2.45 12.19
CA GLU A 211 -20.02 -2.85 10.91
C GLU A 211 -19.49 -1.99 9.75
N ASP A 212 -19.45 -0.68 9.95
CA ASP A 212 -19.06 0.21 8.85
C ASP A 212 -17.60 0.03 8.49
N THR A 213 -16.79 -0.32 9.49
CA THR A 213 -15.37 -0.56 9.20
C THR A 213 -15.21 -1.82 8.37
N ILE A 214 -16.01 -2.84 8.65
CA ILE A 214 -16.05 -4.01 7.77
C ILE A 214 -16.44 -3.62 6.34
N THR A 215 -17.47 -2.79 6.22
CA THR A 215 -17.95 -2.38 4.90
C THR A 215 -16.86 -1.68 4.07
N VAL A 216 -16.04 -0.88 4.74
CA VAL A 216 -14.99 -0.12 4.04
C VAL A 216 -13.70 -0.94 3.84
N GLY A 218 -13.04 -4.25 4.63
CA GLY A 218 -13.17 -5.67 4.41
C GLY A 218 -12.95 -5.99 2.94
N GLY A 219 -13.46 -7.13 2.51
CA GLY A 219 -13.24 -7.60 1.15
C GLY A 219 -14.34 -7.35 0.14
N GLN A 220 -15.37 -6.60 0.53
CA GLN A 220 -16.54 -6.45 -0.34
C GLN A 220 -16.22 -5.84 -1.68
N ASP A 221 -15.49 -4.73 -1.67
CA ASP A 221 -15.17 -4.05 -2.92
C ASP A 221 -14.17 -4.85 -3.77
N TRP A 222 -13.21 -5.50 -3.13
CA TRP A 222 -12.26 -6.35 -3.83
C TRP A 222 -13.04 -7.39 -4.61
N GLU A 223 -14.02 -7.99 -3.94
CA GLU A 223 -14.85 -9.00 -4.60
C GLU A 223 -15.65 -8.40 -5.76
N LEU A 224 -16.17 -7.17 -5.59
CA LEU A 224 -16.86 -6.52 -6.70
C LEU A 224 -15.96 -6.35 -7.92
N TRP A 225 -14.69 -6.03 -7.68
CA TRP A 225 -13.73 -5.90 -8.77
C TRP A 225 -13.55 -7.23 -9.49
N ILE A 226 -13.33 -8.30 -8.74
CA ILE A 226 -13.13 -9.59 -9.39
C ILE A 226 -14.41 -10.01 -10.13
N ASP A 227 -15.57 -9.80 -9.51
CA ASP A 227 -16.86 -10.05 -10.14
C ASP A 227 -16.95 -9.34 -11.50
N ALA A 228 -16.66 -8.04 -11.51
CA ALA A 228 -16.81 -7.26 -12.74
C ALA A 228 -15.85 -7.74 -13.80
N LEU A 229 -14.60 -8.00 -13.41
CA LEU A 229 -13.59 -8.44 -14.37
C LEU A 229 -13.94 -9.80 -14.96
N GLU A 230 -14.38 -10.72 -14.10
CA GLU A 230 -14.82 -12.03 -14.55
C GLU A 230 -16.03 -11.90 -15.47
N GLY A 231 -17.03 -11.12 -15.06
CA GLY A 231 -18.22 -10.96 -15.88
C GLY A 231 -17.94 -10.36 -17.25
N ALA A 232 -16.88 -9.55 -17.36
CA ALA A 232 -16.52 -8.93 -18.62
C ALA A 232 -15.62 -9.82 -19.49
N GLY A 233 -15.19 -10.95 -18.94
CA GLY A 233 -14.32 -11.87 -19.64
C GLY A 233 -12.89 -11.37 -19.79
N VAL A 234 -12.45 -10.53 -18.88
CA VAL A 234 -11.11 -9.95 -19.00
C VAL A 234 -10.09 -10.50 -17.98
N LEU A 235 -10.42 -11.61 -17.33
CA LEU A 235 -9.45 -12.31 -16.49
C LEU A 235 -8.80 -13.45 -17.25
N ALA A 236 -7.48 -13.40 -17.36
CA ALA A 236 -6.73 -14.41 -18.09
C ALA A 236 -6.87 -15.74 -17.40
N ASP A 237 -6.71 -16.83 -18.16
CA ASP A 237 -6.55 -18.13 -17.53
C ASP A 237 -5.36 -18.02 -16.60
N GLY A 238 -5.53 -18.47 -15.37
CA GLY A 238 -4.46 -18.46 -14.40
C GLY A 238 -4.32 -17.15 -13.64
N ALA A 239 -5.26 -16.24 -13.85
CA ALA A 239 -5.18 -14.92 -13.22
C ALA A 239 -5.11 -15.07 -11.71
N ARG A 240 -4.32 -14.22 -11.07
CA ARG A 240 -4.20 -14.20 -9.62
C ARG A 240 -4.55 -12.82 -9.08
N SER A 241 -4.92 -12.76 -7.81
CA SER A 241 -5.16 -11.47 -7.17
C SER A 241 -4.55 -11.49 -5.78
N VAL A 242 -4.01 -10.36 -5.35
CA VAL A 242 -3.45 -10.22 -4.02
C VAL A 242 -3.96 -8.92 -3.41
N ALA A 243 -4.46 -8.99 -2.17
CA ALA A 243 -4.88 -7.81 -1.44
C ALA A 243 -3.91 -7.58 -0.29
N PHE A 244 -3.47 -6.33 -0.11
CA PHE A 244 -2.48 -6.04 0.91
C PHE A 244 -3.11 -5.83 2.27
N SER A 245 -2.40 -6.27 3.30
CA SER A 245 -2.90 -6.12 4.65
C SER A 245 -1.74 -5.86 5.59
N TYR A 246 -2.01 -5.95 6.89
CA TYR A 246 -1.06 -5.56 7.93
C TYR A 246 -1.57 -6.09 9.25
N ILE A 247 -0.64 -6.53 10.09
CA ILE A 247 -1.00 -7.01 11.43
C ILE A 247 -0.25 -6.21 12.50
N GLY A 248 1.03 -5.99 12.30
CA GLY A 248 1.80 -5.16 13.22
C GLY A 248 2.17 -5.79 14.55
N THR A 249 2.50 -4.94 15.52
CA THR A 249 3.15 -5.35 16.76
C THR A 249 2.17 -5.49 17.91
N GLU A 250 2.59 -6.19 18.97
CA GLU A 250 1.70 -6.48 20.09
C GLU A 250 1.12 -5.21 20.74
N ILE A 251 1.92 -4.15 20.85
CA ILE A 251 1.45 -2.96 21.54
C ILE A 251 0.26 -2.29 20.83
N THR A 252 0.12 -2.53 19.52
CA THR A 252 -1.01 -1.97 18.78
C THR A 252 -2.06 -3.01 18.39
N TRP A 253 -1.97 -4.21 18.93
CA TRP A 253 -2.97 -5.24 18.60
C TRP A 253 -4.42 -4.77 18.74
N PRO A 254 -4.74 -4.00 19.80
CA PRO A 254 -6.16 -3.64 19.96
C PRO A 254 -6.74 -2.82 18.82
N ILE A 255 -5.89 -2.17 18.02
CA ILE A 255 -6.39 -1.37 16.91
C ILE A 255 -6.06 -1.90 15.51
N TYR A 256 -4.89 -2.52 15.31
CA TYR A 256 -4.52 -3.00 13.97
C TYR A 256 -4.78 -4.48 13.70
N TRP A 257 -4.68 -5.31 14.73
CA TRP A 257 -4.94 -6.74 14.57
C TRP A 257 -6.37 -7.08 14.99
N HIS A 258 -6.75 -6.60 16.17
CA HIS A 258 -8.11 -6.74 16.65
C HIS A 258 -8.84 -5.41 16.48
N GLY A 259 -9.81 -5.10 17.35
CA GLY A 259 -10.56 -3.86 17.17
C GLY A 259 -11.43 -3.89 15.92
N ALA A 260 -12.00 -2.74 15.58
CA ALA A 260 -12.86 -2.64 14.43
C ALA A 260 -12.13 -3.00 13.14
N LEU A 261 -10.91 -2.51 12.97
CA LEU A 261 -10.14 -2.86 11.78
C LEU A 261 -9.89 -4.36 11.72
N GLY A 262 -9.60 -4.97 12.87
CA GLY A 262 -9.46 -6.42 12.95
C GLY A 262 -10.66 -7.19 12.42
N LYS A 263 -11.87 -6.72 12.74
CA LYS A 263 -13.06 -7.40 12.22
C LYS A 263 -13.10 -7.26 10.69
N ALA A 264 -12.69 -6.10 10.18
CA ALA A 264 -12.63 -5.92 8.74
C ALA A 264 -11.60 -6.86 8.11
N LYS A 265 -10.48 -7.08 8.80
CA LYS A 265 -9.46 -7.97 8.27
C LYS A 265 -9.93 -9.42 8.23
N VAL A 266 -10.77 -9.81 9.19
CA VAL A 266 -11.37 -11.13 9.15
C VAL A 266 -12.22 -11.26 7.88
N ASP A 267 -12.99 -10.23 7.57
CA ASP A 267 -13.79 -10.22 6.36
C ASP A 267 -12.89 -10.28 5.12
N LEU A 268 -11.78 -9.54 5.15
CA LEU A 268 -10.85 -9.52 4.01
C LEU A 268 -10.26 -10.89 3.80
N ASP A 269 -9.83 -11.53 4.89
CA ASP A 269 -9.18 -12.82 4.79
C ASP A 269 -10.19 -13.88 4.31
N ARG A 270 -11.42 -13.80 4.81
CA ARG A 270 -12.50 -14.69 4.38
C ARG A 270 -12.78 -14.53 2.90
N THR A 271 -12.81 -13.28 2.45
CA THR A 271 -13.03 -12.95 1.05
C THR A 271 -11.92 -13.51 0.18
N ALA A 272 -10.68 -13.39 0.65
CA ALA A 272 -9.54 -13.91 -0.11
C ALA A 272 -9.69 -15.40 -0.37
N GLN A 273 -10.09 -16.15 0.64
CA GLN A 273 -10.20 -17.60 0.46
C GLN A 273 -11.36 -17.96 -0.49
N ARG A 274 -12.43 -17.16 -0.45
CA ARG A 274 -13.54 -17.29 -1.40
C ARG A 274 -13.06 -17.00 -2.83
N LEU A 275 -12.35 -15.90 -3.00
CA LEU A 275 -11.83 -15.55 -4.32
C LEU A 275 -10.80 -16.58 -4.78
N ASN A 276 -10.07 -17.14 -3.83
CA ASN A 276 -9.04 -18.11 -4.18
C ASN A 276 -9.68 -19.34 -4.83
N ALA A 277 -10.74 -19.85 -4.22
CA ALA A 277 -11.42 -21.01 -4.76
C ALA A 277 -11.98 -20.70 -6.14
N ARG A 278 -12.53 -19.49 -6.26
CA ARG A 278 -13.14 -19.05 -7.50
C ARG A 278 -12.13 -18.98 -8.64
N LEU A 279 -11.00 -18.33 -8.40
CA LEU A 279 -9.98 -18.16 -9.43
C LEU A 279 -9.22 -19.45 -9.70
N ALA A 280 -9.19 -20.33 -8.70
CA ALA A 280 -8.53 -21.63 -8.83
C ALA A 280 -9.20 -22.49 -9.89
N LYS A 281 -10.51 -22.32 -10.06
CA LYS A 281 -11.24 -23.09 -11.07
C LYS A 281 -10.71 -22.81 -12.47
N HIS A 282 -10.06 -21.66 -12.63
CA HIS A 282 -9.48 -21.31 -13.92
C HIS A 282 -7.94 -21.25 -13.87
N GLY A 283 -7.37 -21.95 -12.90
CA GLY A 283 -5.92 -22.11 -12.82
C GLY A 283 -5.16 -21.06 -12.03
N GLY A 284 -5.89 -20.15 -11.38
CA GLY A 284 -5.26 -19.07 -10.64
C GLY A 284 -5.53 -19.18 -9.14
N GLY A 285 -5.65 -18.03 -8.48
CA GLY A 285 -5.83 -18.03 -7.04
C GLY A 285 -5.82 -16.63 -6.47
N ALA A 286 -6.01 -16.52 -5.16
CA ALA A 286 -6.02 -15.21 -4.52
C ALA A 286 -5.51 -15.33 -3.10
N ASN A 287 -4.84 -14.29 -2.63
CA ASN A 287 -4.33 -14.26 -1.28
C ASN A 287 -4.33 -12.85 -0.73
N VAL A 288 -4.49 -12.76 0.59
CA VAL A 288 -4.04 -11.59 1.32
C VAL A 288 -2.53 -11.71 1.52
N ALA A 289 -1.83 -10.61 1.28
CA ALA A 289 -0.41 -10.51 1.65
C ALA A 289 -0.28 -9.54 2.82
N VAL A 290 0.15 -10.05 3.98
CA VAL A 290 0.37 -9.20 5.15
C VAL A 290 1.77 -8.59 5.07
N LEU A 291 1.83 -7.27 4.98
CA LEU A 291 3.11 -6.58 4.80
C LEU A 291 3.64 -5.99 6.11
N LYS A 292 4.88 -5.51 6.06
CA LYS A 292 5.56 -4.99 7.24
C LYS A 292 5.15 -3.56 7.56
N SER A 293 5.61 -3.06 8.70
CA SER A 293 5.40 -1.67 9.09
C SER A 293 6.34 -0.80 8.28
N VAL A 294 5.79 0.16 7.55
CA VAL A 294 6.59 1.17 6.87
C VAL A 294 5.93 2.52 7.09
N VAL A 295 6.71 3.59 6.89
CA VAL A 295 6.15 4.93 7.00
C VAL A 295 5.11 5.15 5.91
N THR A 296 3.92 5.58 6.33
CA THR A 296 2.84 5.92 5.41
C THR A 296 2.13 7.18 5.89
N GLN A 297 1.43 7.85 4.99
CA GLN A 297 0.63 9.00 5.40
C GLN A 297 -0.45 8.64 6.41
N ALA A 298 -1.09 7.49 6.21
CA ALA A 298 -2.24 7.14 7.03
C ALA A 298 -1.89 6.93 8.51
N SER A 299 -0.85 6.15 8.77
CA SER A 299 -0.52 5.81 10.14
C SER A 299 0.21 6.94 10.85
N ALA A 300 0.67 7.92 10.09
CA ALA A 300 1.35 9.07 10.66
C ALA A 300 0.40 9.86 11.55
N ALA A 301 -0.89 9.68 11.30
CA ALA A 301 -1.93 10.40 12.02
C ALA A 301 -2.28 9.73 13.34
N ILE A 302 -1.70 8.56 13.58
CA ILE A 302 -2.03 7.78 14.77
C ILE A 302 -0.80 7.76 15.66
N PRO A 303 -0.85 8.51 16.77
CA PRO A 303 0.38 8.86 17.48
C PRO A 303 1.25 7.68 17.92
N VAL A 304 0.68 6.51 18.20
CA VAL A 304 1.50 5.38 18.65
C VAL A 304 2.40 4.88 17.51
N PRO A 306 4.09 6.40 14.82
CA PRO A 306 5.43 6.93 14.59
C PRO A 306 6.44 6.41 15.62
N LEU A 307 5.96 6.15 16.83
CA LEU A 307 6.86 5.66 17.89
C LEU A 307 7.33 4.22 17.60
N TYR A 308 6.37 3.33 17.35
CA TYR A 308 6.73 1.96 17.03
C TYR A 308 7.57 1.88 15.76
N ILE A 309 7.15 2.57 14.71
CA ILE A 309 7.89 2.52 13.44
C ILE A 309 9.34 2.99 13.65
N SER A 310 9.50 4.08 14.38
CA SER A 310 10.83 4.62 14.66
C SER A 310 11.69 3.60 15.40
N VAL A 312 11.25 0.21 15.59
CA VAL A 312 11.52 -1.02 14.86
C VAL A 312 12.46 -0.80 13.67
N TYR A 313 12.40 0.38 13.05
CA TYR A 313 13.36 0.74 12.02
C TYR A 313 14.78 0.66 12.57
N LYS A 314 15.00 1.19 13.76
CA LYS A 314 16.37 1.21 14.31
C LYS A 314 16.82 -0.21 14.56
N ILE A 315 15.95 -1.02 15.14
CA ILE A 315 16.30 -2.40 15.50
C ILE A 315 16.57 -3.24 14.26
N LYS A 317 17.37 -2.22 11.15
CA LYS A 317 18.54 -1.73 10.42
C LYS A 317 19.81 -2.32 11.05
N GLU A 318 19.85 -2.39 12.37
CA GLU A 318 21.03 -2.94 13.04
C GLU A 318 21.21 -4.42 12.70
N LYS A 319 20.10 -5.12 12.45
CA LYS A 319 20.12 -6.56 12.20
C LYS A 319 20.16 -6.91 10.70
N GLY A 320 20.20 -5.88 9.85
CA GLY A 320 20.25 -6.06 8.41
C GLY A 320 18.93 -6.44 7.79
N LEU A 321 17.83 -6.22 8.51
CA LEU A 321 16.53 -6.73 8.11
C LEU A 321 15.57 -5.63 7.66
N HIS A 322 16.05 -4.41 7.63
CA HIS A 322 15.19 -3.28 7.26
C HIS A 322 14.80 -3.36 5.80
N GLU A 323 13.53 -3.02 5.51
CA GLU A 323 13.04 -2.93 4.14
C GLU A 323 12.07 -1.78 4.02
N GLY A 324 12.05 -1.17 2.84
CA GLY A 324 11.03 -0.17 2.54
C GLY A 324 10.01 -0.79 1.61
N THR A 325 9.15 0.06 1.03
CA THR A 325 8.09 -0.49 0.19
C THR A 325 8.60 -1.31 -1.00
N ILE A 326 9.64 -0.85 -1.69
CA ILE A 326 10.07 -1.57 -2.89
C ILE A 326 10.73 -2.91 -2.54
N GLU A 327 11.48 -2.97 -1.44
CA GLU A 327 12.03 -4.26 -1.00
C GLU A 327 10.92 -5.24 -0.65
N GLN A 328 9.90 -4.77 0.04
CA GLN A 328 8.75 -5.60 0.37
C GLN A 328 8.10 -6.17 -0.88
N LEU A 329 7.88 -5.33 -1.89
CA LEU A 329 7.17 -5.81 -3.07
C LEU A 329 8.04 -6.71 -3.94
N ASP A 330 9.31 -6.39 -4.05
CA ASP A 330 10.23 -7.27 -4.75
C ASP A 330 10.25 -8.66 -4.10
N ARG A 331 10.28 -8.69 -2.77
CA ARG A 331 10.29 -9.97 -2.07
C ARG A 331 8.96 -10.71 -2.22
N LEU A 332 7.84 -9.98 -2.19
CA LEU A 332 6.55 -10.61 -2.45
C LEU A 332 6.51 -11.24 -3.85
N PHE A 333 6.90 -10.48 -4.85
CA PHE A 333 6.83 -10.97 -6.23
C PHE A 333 7.80 -12.12 -6.46
N ARG A 334 9.03 -11.96 -5.99
CA ARG A 334 10.10 -12.88 -6.36
C ARG A 334 10.17 -14.11 -5.46
N GLU A 335 9.77 -13.96 -4.20
CA GLU A 335 9.89 -15.04 -3.22
C GLU A 335 8.56 -15.64 -2.79
N ARG A 336 7.46 -15.10 -3.29
CA ARG A 336 6.18 -15.71 -3.02
C ARG A 336 5.41 -16.00 -4.31
N LEU A 337 5.06 -14.96 -5.05
CA LEU A 337 4.13 -15.10 -6.16
C LEU A 337 4.74 -15.76 -7.40
N TYR A 338 5.98 -15.41 -7.72
CA TYR A 338 6.60 -15.85 -8.97
C TYR A 338 7.98 -16.40 -8.70
N ARG A 339 8.04 -17.44 -7.87
CA ARG A 339 9.31 -18.05 -7.48
C ARG A 339 9.95 -18.75 -8.67
N GLN A 340 11.23 -18.48 -8.88
CA GLN A 340 11.97 -19.10 -9.98
C GLN A 340 12.03 -20.62 -9.84
N ASP A 341 12.09 -21.11 -8.60
CA ASP A 341 12.11 -22.56 -8.38
C ASP A 341 10.72 -23.17 -8.61
N GLY A 342 9.80 -22.35 -9.10
CA GLY A 342 8.48 -22.80 -9.52
C GLY A 342 7.59 -23.33 -8.42
N GLN A 343 8.03 -23.23 -7.17
CA GLN A 343 7.25 -23.74 -6.05
C GLN A 343 6.17 -22.76 -5.59
N PRO A 344 5.09 -23.28 -5.01
CA PRO A 344 4.03 -22.43 -4.45
C PRO A 344 4.53 -21.60 -3.27
N ALA A 345 4.00 -20.40 -3.13
CA ALA A 345 4.37 -19.53 -2.02
C ALA A 345 4.01 -20.17 -0.68
N GLU A 346 4.88 -19.99 0.31
CA GLU A 346 4.58 -20.37 1.69
C GLU A 346 3.51 -19.44 2.29
N VAL A 347 2.65 -20.00 3.14
CA VAL A 347 1.51 -19.25 3.70
C VAL A 347 1.27 -19.57 5.16
N ASP A 348 0.54 -18.69 5.85
CA ASP A 348 0.19 -18.95 7.24
C ASP A 348 -1.10 -19.78 7.34
N GLU A 349 -1.61 -19.93 8.56
CA GLU A 349 -2.75 -20.82 8.80
C GLU A 349 -4.03 -20.35 8.12
N GLN A 350 -4.04 -19.10 7.67
CA GLN A 350 -5.20 -18.55 7.00
C GLN A 350 -4.90 -18.29 5.53
N ASN A 351 -3.89 -18.99 5.03
CA ASN A 351 -3.52 -18.93 3.62
C ASN A 351 -3.07 -17.54 3.20
N ARG A 352 -2.52 -16.78 4.15
CA ARG A 352 -1.97 -15.47 3.84
C ARG A 352 -0.48 -15.54 3.53
N LEU A 353 -0.04 -14.71 2.60
CA LEU A 353 1.40 -14.55 2.35
C LEU A 353 1.91 -13.58 3.41
N ARG A 354 3.08 -13.85 3.97
CA ARG A 354 3.59 -13.03 5.07
C ARG A 354 4.93 -12.41 4.71
N LEU A 355 4.94 -11.09 4.56
CA LEU A 355 6.21 -10.37 4.35
C LEU A 355 6.61 -9.61 5.60
N ASP A 356 5.83 -9.76 6.67
CA ASP A 356 6.18 -9.22 7.99
C ASP A 356 6.95 -10.29 8.78
N ASP A 357 7.44 -11.30 8.07
CA ASP A 357 8.15 -12.41 8.68
C ASP A 357 9.41 -11.99 9.41
N TRP A 358 10.19 -11.10 8.81
CA TRP A 358 11.41 -10.64 9.48
C TRP A 358 11.06 -9.70 10.64
N GLU A 359 10.08 -8.84 10.43
CA GLU A 359 9.68 -7.92 11.49
C GLU A 359 9.19 -8.64 12.73
N LEU A 360 8.42 -9.70 12.55
CA LEU A 360 7.77 -10.36 13.68
C LEU A 360 8.64 -11.45 14.33
N ARG A 361 9.91 -11.53 13.92
CA ARG A 361 10.85 -12.41 14.61
C ARG A 361 10.87 -12.09 16.10
N ASP A 362 11.03 -13.11 16.93
CA ASP A 362 11.14 -12.89 18.36
C ASP A 362 12.26 -11.91 18.69
N ASP A 363 13.38 -11.96 17.99
CA ASP A 363 14.46 -11.09 18.42
C ASP A 363 14.15 -9.62 18.19
N VAL A 364 13.48 -9.32 17.08
CA VAL A 364 13.12 -7.95 16.77
C VAL A 364 12.05 -7.47 17.75
N GLN A 365 11.05 -8.30 17.97
CA GLN A 365 9.93 -7.89 18.81
C GLN A 365 10.31 -7.82 20.28
N ASP A 366 11.16 -8.74 20.73
CA ASP A 366 11.68 -8.68 22.09
C ASP A 366 12.50 -7.41 22.34
N ALA A 367 13.28 -6.99 21.33
CA ALA A 367 14.07 -5.78 21.46
C ALA A 367 13.14 -4.58 21.61
N CYS A 368 12.03 -4.59 20.90
CA CYS A 368 11.02 -3.54 21.03
C CYS A 368 10.43 -3.54 22.44
N LYS A 369 10.10 -4.72 22.94
CA LYS A 369 9.53 -4.84 24.27
C LYS A 369 10.45 -4.26 25.35
N ALA A 370 11.76 -4.44 25.17
CA ALA A 370 12.75 -3.95 26.13
C ALA A 370 12.87 -2.43 26.13
N LEU A 371 12.75 -1.82 24.96
CA LEU A 371 12.94 -0.38 24.83
C LEU A 371 11.69 0.43 25.12
N TRP A 372 10.53 -0.16 24.84
CA TRP A 372 9.27 0.58 24.92
C TRP A 372 9.07 1.36 26.23
N PRO A 373 9.30 0.72 27.39
CA PRO A 373 9.13 1.43 28.66
C PRO A 373 10.15 2.53 28.93
N GLN A 374 11.26 2.54 28.19
CA GLN A 374 12.36 3.47 28.45
C GLN A 374 12.19 4.82 27.77
N VAL A 375 11.32 4.89 26.77
CA VAL A 375 11.34 6.06 25.91
C VAL A 375 10.76 7.31 26.56
N THR A 376 11.45 8.42 26.34
CA THR A 376 11.06 9.72 26.86
C THR A 376 11.34 10.77 25.80
N THR A 377 10.79 11.97 25.99
CA THR A 377 11.11 13.07 25.11
C THR A 377 12.63 13.25 25.04
N GLU A 378 13.30 13.16 26.18
CA GLU A 378 14.73 13.43 26.23
C GLU A 378 15.58 12.40 25.48
N ASN A 379 15.09 11.17 25.34
CA ASN A 379 15.91 10.15 24.68
C ASN A 379 15.31 9.60 23.39
N LEU A 380 14.19 10.17 22.96
CA LEU A 380 13.50 9.71 21.76
C LEU A 380 14.42 9.51 20.55
N PHE A 381 15.23 10.51 20.23
CA PHE A 381 16.07 10.43 19.05
C PHE A 381 17.21 9.41 19.22
N GLU A 382 17.60 9.17 20.47
CA GLU A 382 18.72 8.27 20.77
C GLU A 382 18.30 6.81 20.92
N LEU A 383 17.04 6.58 21.28
CA LEU A 383 16.55 5.22 21.47
C LEU A 383 15.83 4.64 20.27
N THR A 384 15.50 5.50 19.30
CA THR A 384 14.74 5.07 18.11
C THR A 384 15.32 5.76 16.88
N ASP A 385 14.88 5.32 15.70
CA ASP A 385 15.25 5.97 14.46
C ASP A 385 14.19 7.01 14.11
N TYR A 386 13.88 7.88 15.07
CA TYR A 386 12.89 8.92 14.85
C TYR A 386 13.38 9.93 13.80
N ALA A 387 14.69 10.14 13.72
CA ALA A 387 15.21 10.95 12.63
C ALA A 387 14.86 10.32 11.29
N GLY A 388 15.00 8.99 11.19
CA GLY A 388 14.65 8.26 9.99
C GLY A 388 13.18 8.38 9.68
N TYR A 389 12.34 8.24 10.72
CA TYR A 389 10.90 8.39 10.54
C TYR A 389 10.58 9.74 9.91
N LYS A 390 11.13 10.81 10.49
CA LYS A 390 10.84 12.16 10.00
C LYS A 390 11.30 12.32 8.57
N HIS A 391 12.47 11.76 8.25
CA HIS A 391 12.98 11.85 6.88
C HIS A 391 12.09 11.09 5.92
N GLU A 392 11.69 9.88 6.31
CA GLU A 392 10.86 9.07 5.43
C GLU A 392 9.48 9.67 5.24
N PHE A 393 8.97 10.33 6.28
CA PHE A 393 7.68 11.00 6.15
C PHE A 393 7.75 12.13 5.12
N LEU A 394 8.76 12.99 5.24
CA LEU A 394 8.87 14.11 4.29
C LEU A 394 9.13 13.59 2.89
N LYS A 395 9.84 12.46 2.82
CA LYS A 395 10.17 11.86 1.53
C LYS A 395 8.90 11.47 0.76
N LEU A 396 7.86 11.07 1.47
CA LEU A 396 6.61 10.69 0.81
C LEU A 396 6.12 11.79 -0.14
N PHE A 397 6.43 13.03 0.23
CA PHE A 397 5.92 14.19 -0.48
C PHE A 397 6.96 14.77 -1.41
N GLY A 398 8.13 14.12 -1.50
CA GLY A 398 9.19 14.54 -2.39
C GLY A 398 10.28 15.40 -1.77
N PHE A 399 10.23 15.60 -0.46
CA PHE A 399 11.21 16.43 0.22
C PHE A 399 12.30 15.62 0.90
N GLY A 400 13.40 16.28 1.22
CA GLY A 400 14.45 15.69 2.04
C GLY A 400 15.42 14.79 1.31
N ARG A 401 15.34 14.71 -0.01
CA ARG A 401 16.31 13.92 -0.76
C ARG A 401 17.64 14.66 -0.81
N THR A 402 18.73 13.93 -1.00
CA THR A 402 20.04 14.55 -1.08
C THR A 402 20.49 14.76 -2.54
N ASP A 403 19.67 14.33 -3.48
CA ASP A 403 20.00 14.44 -4.91
C ASP A 403 19.04 15.36 -5.65
N VAL A 404 18.40 16.28 -4.92
CA VAL A 404 17.48 17.23 -5.52
C VAL A 404 17.84 18.65 -5.12
N ASP A 405 17.93 19.54 -6.11
CA ASP A 405 18.15 20.95 -5.83
C ASP A 405 16.82 21.61 -5.48
N TYR A 406 16.56 21.77 -4.18
CA TYR A 406 15.28 22.29 -3.74
C TYR A 406 15.16 23.80 -3.90
N ASP A 407 16.24 24.43 -4.37
CA ASP A 407 16.21 25.87 -4.67
C ASP A 407 15.71 26.14 -6.07
N ALA A 408 15.78 25.15 -6.95
CA ALA A 408 15.36 25.33 -8.33
C ALA A 408 13.85 25.53 -8.43
N ASP A 409 13.42 26.12 -9.54
CA ASP A 409 12.00 26.34 -9.76
C ASP A 409 11.26 25.02 -9.90
N VAL A 410 10.00 25.04 -9.48
CA VAL A 410 9.15 23.87 -9.51
C VAL A 410 7.99 24.10 -10.45
N ALA A 411 7.81 23.20 -11.41
CA ALA A 411 6.63 23.24 -12.26
C ALA A 411 5.59 22.28 -11.70
N THR A 412 4.46 22.82 -11.27
CA THR A 412 3.45 22.00 -10.60
C THR A 412 2.39 21.48 -11.56
N ASP A 413 2.30 22.06 -12.75
CA ASP A 413 1.36 21.55 -13.73
C ASP A 413 2.06 20.45 -14.53
N VAL A 414 1.74 19.20 -14.18
CA VAL A 414 2.36 18.05 -14.80
C VAL A 414 1.28 17.14 -15.35
N ALA A 415 1.29 16.94 -16.66
CA ALA A 415 0.31 16.09 -17.29
C ALA A 415 0.89 14.72 -17.60
N PHE A 416 0.05 13.70 -17.53
CA PHE A 416 0.45 12.36 -17.96
C PHE A 416 -0.76 11.60 -18.47
N ASP A 417 -0.55 10.34 -18.84
CA ASP A 417 -1.59 9.56 -19.51
C ASP A 417 -2.56 9.06 -18.46
N CYS A 418 -3.54 9.90 -18.12
CA CYS A 418 -4.43 9.63 -16.99
C CYS A 418 -5.85 10.09 -17.28
N ILE A 419 -6.78 9.16 -17.25
CA ILE A 419 -8.19 9.47 -17.40
C ILE A 419 -8.73 10.02 -16.08
N GLU A 420 -9.39 11.17 -16.15
CA GLU A 420 -10.08 11.72 -14.98
C GLU A 420 -11.53 11.25 -15.01
N LEU A 421 -11.93 10.44 -14.04
CA LEU A 421 -13.32 10.00 -13.96
C LEU A 421 -14.24 11.19 -13.69
#